data_2DVC
#
_entry.id   2DVC
#
_cell.length_a   63.457
_cell.length_b   50.398
_cell.length_c   65.915
_cell.angle_alpha   90.00
_cell.angle_beta   107.79
_cell.angle_gamma   90.00
#
_symmetry.space_group_name_H-M   'P 1 21 1'
#
loop_
_entity.id
_entity.type
_entity.pdbx_description
1 polymer Lactotransferrin
2 branched alpha-D-mannopyranose-(1-4)-[alpha-D-mannopyranose-(1-6)]beta-D-mannopyranose-(1-4)-2-acetamido-2-deoxy-beta-D-glucopyranose-(1-4)-2-acetamido-2-deoxy-beta-D-glucopyranose
3 branched 2-acetamido-2-deoxy-beta-D-glucopyranose-(1-4)-2-acetamido-2-deoxy-beta-D-glucopyranose
4 branched beta-D-mannopyranose-(1-4)-alpha-D-mannopyranose-(1-4)-beta-D-mannopyranose-(1-4)-beta-D-mannopyranose-(1-4)-2-acetamido-2-deoxy-beta-D-glucopyranose-(1-4)-2-acetamido-2-deoxy-beta-D-glucopyranose
5 branched beta-D-fructofuranose-(2-1)-alpha-D-glucopyranose
6 non-polymer 'FE (III) ION'
7 non-polymer 'CARBONATE ION'
8 non-polymer 'ZINC ION'
9 non-polymer 'SULFATE ION'
10 water water
#
_entity_poly.entity_id   1
_entity_poly.type   'polypeptide(L)'
_entity_poly.pdbx_seq_one_letter_code
;YTRVVWCAVGPEEQKKCQQWSQQSGQNVTCATASTTDDCIVLVLKGEADALNLDGGYIYTAGKCGLVPVLAENRKSSKHS
SLDCVLRPTEGYLAVAVVKKANEGLTWNSLKDKKSCHTAVDRTAGWNIPMGLIVNQTGSCAFDEFFSQSCAPGADPKSRL
CALCAGDDQGLDKCVPNSKEKYYGYTGAFRCLAEDVGDVAFVKNDTVWENTNGESTADWAKNLKREDFRLLCLDGTRKPV
TEAQSCHLAVAPNHAVVSRSDRAAHVEQVLLHQQALFGKNGKNCPDKFCLFKSETKNLLFNDNTECLAKLGGRPTYEEYL
GTEYVTAIANLKKCSTSPLLEACAF
;
_entity_poly.pdbx_strand_id   A
#
loop_
_chem_comp.id
_chem_comp.type
_chem_comp.name
_chem_comp.formula
BMA D-saccharide, beta linking beta-D-mannopyranose 'C6 H12 O6'
CO3 non-polymer 'CARBONATE ION' 'C O3 -2'
FE non-polymer 'FE (III) ION' 'Fe 3'
FRU D-saccharide, beta linking beta-D-fructofuranose 'C6 H12 O6'
GLC D-saccharide, alpha linking alpha-D-glucopyranose 'C6 H12 O6'
MAN D-saccharide, alpha linking alpha-D-mannopyranose 'C6 H12 O6'
NAG D-saccharide, beta linking 2-acetamido-2-deoxy-beta-D-glucopyranose 'C8 H15 N O6'
SO4 non-polymer 'SULFATE ION' 'O4 S -2'
ZN non-polymer 'ZINC ION' 'Zn 2'
#
# COMPACT_ATOMS: atom_id res chain seq x y z
N TYR A 1 -13.44 19.14 20.13
CA TYR A 1 -13.84 17.84 19.47
C TYR A 1 -13.56 17.80 17.97
N THR A 2 -14.67 17.96 17.23
CA THR A 2 -14.76 17.89 15.79
C THR A 2 -13.64 18.24 14.80
N ARG A 3 -12.45 18.63 15.26
CA ARG A 3 -11.39 18.86 14.29
C ARG A 3 -10.45 17.67 14.31
N VAL A 4 -10.15 17.12 13.13
CA VAL A 4 -9.27 15.97 12.98
C VAL A 4 -7.93 16.31 12.32
N VAL A 5 -6.85 15.86 12.94
CA VAL A 5 -5.51 16.08 12.43
C VAL A 5 -5.02 14.86 11.66
N TRP A 6 -4.80 15.03 10.36
CA TRP A 6 -4.34 13.95 9.51
C TRP A 6 -2.81 13.95 9.37
N CYS A 7 -2.22 12.77 9.37
CA CYS A 7 -0.77 12.66 9.26
C CYS A 7 -0.36 12.33 7.85
N ALA A 8 0.36 13.23 7.19
CA ALA A 8 0.82 12.97 5.84
C ALA A 8 2.24 12.42 5.87
N VAL A 9 2.51 11.45 5.00
CA VAL A 9 3.84 10.86 4.92
C VAL A 9 4.61 11.41 3.73
N GLY A 10 5.56 12.29 3.99
CA GLY A 10 6.35 12.88 2.91
C GLY A 10 5.80 14.20 2.41
N PRO A 11 6.61 14.99 1.69
CA PRO A 11 6.20 16.29 1.16
C PRO A 11 5.05 16.28 0.16
N GLU A 12 4.89 15.21 -0.59
CA GLU A 12 3.81 15.16 -1.58
C GLU A 12 2.45 14.98 -0.95
N GLU A 13 2.35 14.14 0.07
CA GLU A 13 1.07 13.92 0.75
C GLU A 13 0.73 15.11 1.63
N GLN A 14 1.75 15.87 2.03
CA GLN A 14 1.52 17.02 2.87
C GLN A 14 0.78 18.08 2.08
N LYS A 15 1.29 18.37 0.89
CA LYS A 15 0.67 19.37 0.05
C LYS A 15 -0.76 18.97 -0.30
N LYS A 16 -1.00 17.68 -0.50
CA LYS A 16 -2.36 17.25 -0.81
C LYS A 16 -3.21 17.47 0.43
N CYS A 17 -2.65 17.14 1.60
CA CYS A 17 -3.41 17.30 2.83
C CYS A 17 -3.78 18.76 3.05
N GLN A 18 -2.87 19.67 2.74
CA GLN A 18 -3.12 21.10 2.91
C GLN A 18 -4.28 21.58 2.04
N GLN A 19 -4.39 21.04 0.83
CA GLN A 19 -5.50 21.41 -0.04
C GLN A 19 -6.79 20.92 0.62
N TRP A 20 -6.75 19.70 1.13
CA TRP A 20 -7.88 19.09 1.79
C TRP A 20 -8.26 19.94 2.99
N SER A 21 -7.25 20.34 3.74
CA SER A 21 -7.45 21.16 4.94
C SER A 21 -8.16 22.45 4.57
N GLN A 22 -7.63 23.12 3.54
CA GLN A 22 -8.19 24.37 3.06
C GLN A 22 -9.66 24.26 2.68
N GLN A 23 -9.97 23.28 1.82
CA GLN A 23 -11.33 23.06 1.35
C GLN A 23 -12.29 22.59 2.42
N SER A 24 -11.75 22.07 3.51
CA SER A 24 -12.56 21.57 4.60
C SER A 24 -12.83 22.62 5.67
N GLY A 25 -12.38 23.86 5.42
CA GLY A 25 -12.59 24.91 6.40
C GLY A 25 -12.00 24.57 7.76
N GLN A 26 -10.77 24.08 7.76
CA GLN A 26 -10.08 23.70 8.99
C GLN A 26 -10.69 22.53 9.72
N ASN A 27 -11.69 21.87 9.14
CA ASN A 27 -12.26 20.73 9.84
C ASN A 27 -11.24 19.62 9.86
N VAL A 28 -10.27 19.72 8.97
CA VAL A 28 -9.17 18.76 8.88
C VAL A 28 -7.89 19.55 8.78
N THR A 29 -6.93 19.15 9.61
CA THR A 29 -5.64 19.79 9.70
C THR A 29 -4.55 18.75 9.46
N CYS A 30 -3.36 19.21 9.06
CA CYS A 30 -2.27 18.31 8.76
C CYS A 30 -1.01 18.34 9.62
N ALA A 31 -0.42 17.18 9.76
CA ALA A 31 0.81 16.99 10.49
C ALA A 31 1.61 16.19 9.48
N THR A 32 2.93 16.29 9.52
CA THR A 32 3.72 15.55 8.54
C THR A 32 4.90 14.82 9.19
N ALA A 33 5.27 13.69 8.59
CA ALA A 33 6.38 12.91 9.09
C ALA A 33 7.14 12.36 7.88
N SER A 34 8.37 11.88 8.10
CA SER A 34 9.16 11.34 7.00
C SER A 34 8.93 9.88 6.78
N THR A 35 8.07 9.25 7.57
CA THR A 35 7.82 7.83 7.38
C THR A 35 6.53 7.44 8.05
N THR A 36 5.95 6.32 7.62
CA THR A 36 4.71 5.85 8.21
C THR A 36 4.96 5.55 9.68
N ASP A 37 6.09 4.95 10.01
CA ASP A 37 6.38 4.66 11.41
C ASP A 37 6.30 5.92 12.24
N ASP A 38 6.90 7.00 11.75
CA ASP A 38 6.86 8.25 12.49
C ASP A 38 5.42 8.72 12.67
N CYS A 39 4.62 8.66 11.62
CA CYS A 39 3.22 9.05 11.72
C CYS A 39 2.49 8.28 12.80
N ILE A 40 2.80 6.99 12.94
CA ILE A 40 2.15 6.16 13.95
C ILE A 40 2.51 6.70 15.33
N VAL A 41 3.77 7.08 15.54
CA VAL A 41 4.21 7.65 16.80
C VAL A 41 3.48 8.97 17.09
N LEU A 42 3.25 9.79 16.06
CA LEU A 42 2.55 11.05 16.24
C LEU A 42 1.12 10.77 16.68
N VAL A 43 0.55 9.69 16.17
CA VAL A 43 -0.82 9.32 16.54
C VAL A 43 -0.87 8.78 17.97
N LEU A 44 0.16 8.03 18.36
CA LEU A 44 0.22 7.49 19.70
C LEU A 44 0.38 8.64 20.67
N LYS A 45 1.19 9.62 20.30
CA LYS A 45 1.41 10.77 21.16
C LYS A 45 0.19 11.64 21.25
N GLY A 46 -0.67 11.57 20.24
CA GLY A 46 -1.87 12.36 20.26
C GLY A 46 -1.71 13.70 19.59
N GLU A 47 -0.59 13.85 18.90
CA GLU A 47 -0.31 15.10 18.20
C GLU A 47 -0.94 15.01 16.83
N ALA A 48 -1.45 13.83 16.52
CA ALA A 48 -2.12 13.54 15.27
C ALA A 48 -3.30 12.64 15.61
N ASP A 49 -4.28 12.56 14.71
CA ASP A 49 -5.46 11.73 14.95
C ASP A 49 -5.57 10.44 14.16
N ALA A 50 -5.17 10.47 12.89
CA ALA A 50 -5.29 9.29 12.05
C ALA A 50 -4.56 9.41 10.73
N LEU A 51 -4.52 8.29 10.00
CA LEU A 51 -3.91 8.18 8.68
C LEU A 51 -4.34 6.84 8.10
N ASN A 52 -4.35 6.74 6.77
CA ASN A 52 -4.75 5.51 6.09
C ASN A 52 -3.54 4.59 5.99
N LEU A 53 -3.70 3.30 6.28
CA LEU A 53 -2.56 2.38 6.24
C LEU A 53 -2.73 1.06 5.49
N ASP A 54 -1.60 0.45 5.18
CA ASP A 54 -1.53 -0.84 4.50
C ASP A 54 -1.58 -1.89 5.59
N GLY A 55 -2.14 -3.05 5.28
CA GLY A 55 -2.22 -4.10 6.28
C GLY A 55 -0.95 -4.27 7.09
N GLY A 56 0.20 -4.34 6.42
CA GLY A 56 1.47 -4.49 7.12
C GLY A 56 1.67 -3.56 8.30
N TYR A 57 1.33 -2.29 8.14
CA TYR A 57 1.49 -1.33 9.21
C TYR A 57 0.39 -1.49 10.26
N ILE A 58 -0.82 -1.84 9.81
CA ILE A 58 -1.94 -2.01 10.72
C ILE A 58 -1.55 -3.03 11.77
N TYR A 59 -0.70 -3.97 11.38
CA TYR A 59 -0.24 -4.98 12.33
C TYR A 59 0.58 -4.24 13.38
N THR A 60 1.54 -3.45 12.91
CA THR A 60 2.39 -2.67 13.81
C THR A 60 1.57 -1.75 14.69
N ALA A 61 0.83 -0.83 14.09
CA ALA A 61 0.01 0.10 14.85
C ALA A 61 -0.92 -0.61 15.82
N GLY A 62 -1.39 -1.79 15.43
CA GLY A 62 -2.30 -2.55 16.26
C GLY A 62 -1.67 -2.96 17.55
N LYS A 63 -0.46 -3.47 17.49
CA LYS A 63 0.26 -3.90 18.68
C LYS A 63 0.42 -2.75 19.67
N CYS A 64 0.40 -1.52 19.16
CA CYS A 64 0.54 -0.38 20.05
C CYS A 64 -0.79 0.25 20.47
N GLY A 65 -1.88 -0.47 20.25
CA GLY A 65 -3.19 0.03 20.65
C GLY A 65 -4.06 0.75 19.64
N LEU A 66 -3.53 1.05 18.46
CA LEU A 66 -4.36 1.75 17.50
C LEU A 66 -5.43 0.80 16.96
N VAL A 67 -6.50 1.36 16.43
CA VAL A 67 -7.58 0.54 15.91
C VAL A 67 -8.11 0.95 14.54
N PRO A 68 -8.58 -0.02 13.76
CA PRO A 68 -9.12 0.26 12.44
C PRO A 68 -10.48 0.91 12.58
N VAL A 69 -10.71 1.97 11.81
CA VAL A 69 -11.95 2.72 11.86
C VAL A 69 -12.83 2.54 10.62
N LEU A 70 -12.23 2.83 9.46
CA LEU A 70 -12.89 2.71 8.16
C LEU A 70 -11.88 2.08 7.21
N ALA A 71 -12.36 1.34 6.21
CA ALA A 71 -11.49 0.70 5.24
C ALA A 71 -11.76 1.21 3.84
N GLU A 72 -10.77 1.13 2.96
CA GLU A 72 -10.97 1.59 1.59
C GLU A 72 -11.80 0.53 0.88
N ASN A 73 -12.71 0.97 0.03
CA ASN A 73 -13.55 0.05 -0.71
C ASN A 73 -13.51 0.44 -2.18
N ARG A 74 -13.09 -0.49 -3.04
CA ARG A 74 -13.03 -0.21 -4.47
C ARG A 74 -14.27 -0.77 -5.15
N LYS A 75 -14.60 -0.23 -6.32
CA LYS A 75 -15.77 -0.68 -7.05
C LYS A 75 -15.69 -2.17 -7.42
N SER A 76 -16.70 -2.93 -7.03
CA SER A 76 -16.74 -4.36 -7.34
C SER A 76 -18.01 -4.69 -8.10
N SER A 77 -18.04 -5.87 -8.71
CA SER A 77 -19.20 -6.31 -9.47
C SER A 77 -20.26 -6.99 -8.58
N LYS A 78 -19.82 -7.87 -7.69
CA LYS A 78 -20.73 -8.57 -6.78
C LYS A 78 -21.09 -7.62 -5.64
N HIS A 79 -22.23 -7.85 -4.99
CA HIS A 79 -22.67 -7.01 -3.88
C HIS A 79 -22.97 -5.59 -4.37
N SER A 80 -23.61 -5.51 -5.53
CA SER A 80 -23.97 -4.24 -6.15
C SER A 80 -25.21 -3.62 -5.53
N SER A 81 -26.00 -4.44 -4.85
CA SER A 81 -27.24 -3.97 -4.22
C SER A 81 -26.99 -3.04 -3.02
N LEU A 82 -25.90 -3.27 -2.30
CA LEU A 82 -25.59 -2.45 -1.13
C LEU A 82 -24.80 -1.21 -1.50
N ASP A 83 -24.94 -0.16 -0.69
CA ASP A 83 -24.24 1.09 -0.93
C ASP A 83 -22.77 0.89 -0.59
N CYS A 84 -21.90 1.71 -1.16
CA CYS A 84 -20.46 1.58 -0.93
C CYS A 84 -20.04 1.56 0.53
N VAL A 85 -20.58 2.50 1.31
CA VAL A 85 -20.19 2.59 2.71
C VAL A 85 -20.60 1.40 3.57
N LEU A 86 -21.68 0.72 3.21
CA LEU A 86 -22.16 -0.44 3.97
C LEU A 86 -21.72 -1.77 3.34
N ARG A 87 -21.11 -1.70 2.16
CA ARG A 87 -20.63 -2.87 1.44
C ARG A 87 -19.39 -3.49 2.07
N PRO A 88 -19.34 -4.83 2.13
CA PRO A 88 -18.20 -5.52 2.71
C PRO A 88 -16.95 -5.34 1.84
N THR A 89 -15.77 -5.32 2.47
CA THR A 89 -14.53 -5.18 1.72
C THR A 89 -14.14 -6.54 1.13
N GLU A 90 -13.53 -6.54 -0.05
CA GLU A 90 -13.14 -7.77 -0.70
C GLU A 90 -11.65 -8.10 -0.65
N GLY A 91 -10.84 -7.10 -0.36
CA GLY A 91 -9.40 -7.33 -0.29
C GLY A 91 -8.78 -7.25 -1.66
N TYR A 92 -7.46 -7.14 -1.74
CA TYR A 92 -6.81 -7.07 -3.03
C TYR A 92 -5.87 -8.25 -3.22
N LEU A 93 -5.52 -8.52 -4.47
CA LEU A 93 -4.68 -9.65 -4.79
C LEU A 93 -3.19 -9.32 -4.89
N ALA A 94 -2.39 -9.98 -4.06
CA ALA A 94 -0.95 -9.78 -4.10
C ALA A 94 -0.41 -10.61 -5.27
N VAL A 95 0.37 -10.00 -6.16
CA VAL A 95 0.89 -10.74 -7.30
C VAL A 95 2.38 -10.46 -7.51
N ALA A 96 3.02 -11.24 -8.39
CA ALA A 96 4.43 -11.03 -8.73
C ALA A 96 4.41 -10.76 -10.23
N VAL A 97 4.84 -9.59 -10.65
CA VAL A 97 4.80 -9.29 -12.08
C VAL A 97 6.17 -9.30 -12.73
N VAL A 98 6.26 -9.80 -13.95
CA VAL A 98 7.51 -9.85 -14.71
C VAL A 98 7.29 -9.48 -16.17
N LYS A 99 8.36 -9.19 -16.87
CA LYS A 99 8.26 -8.85 -18.28
C LYS A 99 8.14 -10.15 -19.04
N LYS A 100 7.24 -10.17 -20.02
CA LYS A 100 7.02 -11.36 -20.82
C LYS A 100 8.31 -11.71 -21.55
N ALA A 101 8.99 -10.68 -22.04
CA ALA A 101 10.24 -10.85 -22.77
C ALA A 101 11.33 -11.52 -21.93
N ASN A 102 11.11 -11.56 -20.63
CA ASN A 102 12.07 -12.20 -19.75
C ASN A 102 11.60 -13.66 -19.68
N GLU A 103 11.71 -14.36 -20.81
CA GLU A 103 11.30 -15.76 -20.88
C GLU A 103 12.10 -16.61 -19.94
N GLY A 104 11.51 -17.69 -19.45
CA GLY A 104 12.24 -18.55 -18.55
C GLY A 104 12.24 -18.16 -17.08
N LEU A 105 11.77 -16.96 -16.76
CA LEU A 105 11.73 -16.48 -15.37
C LEU A 105 10.42 -16.92 -14.72
N THR A 106 10.51 -17.82 -13.74
CA THR A 106 9.34 -18.31 -13.02
C THR A 106 9.59 -18.24 -11.52
N TRP A 107 8.55 -18.44 -10.72
CA TRP A 107 8.69 -18.38 -9.28
C TRP A 107 9.79 -19.30 -8.74
N ASN A 108 10.22 -20.27 -9.52
CA ASN A 108 11.25 -21.17 -9.03
C ASN A 108 12.64 -20.78 -9.43
N SER A 109 12.76 -19.68 -10.17
CA SER A 109 14.08 -19.23 -10.60
C SER A 109 14.29 -17.76 -10.24
N LEU A 110 13.71 -17.34 -9.12
CA LEU A 110 13.85 -15.95 -8.68
C LEU A 110 15.18 -15.69 -7.99
N LYS A 111 15.74 -16.70 -7.33
CA LYS A 111 16.99 -16.49 -6.62
C LYS A 111 18.08 -15.83 -7.45
N ASP A 112 18.73 -14.83 -6.84
CA ASP A 112 19.79 -14.11 -7.51
C ASP A 112 19.31 -13.16 -8.59
N LYS A 113 18.01 -12.91 -8.62
CA LYS A 113 17.45 -11.97 -9.60
C LYS A 113 17.29 -10.60 -8.93
N LYS A 114 16.80 -9.63 -9.69
CA LYS A 114 16.62 -8.29 -9.15
C LYS A 114 15.15 -8.05 -8.81
N SER A 115 14.88 -7.54 -7.60
CA SER A 115 13.51 -7.32 -7.18
C SER A 115 13.10 -5.88 -6.88
N CYS A 116 11.80 -5.61 -7.01
CA CYS A 116 11.22 -4.30 -6.73
C CYS A 116 10.05 -4.47 -5.75
N HIS A 117 10.17 -3.89 -4.56
CA HIS A 117 9.14 -3.99 -3.52
C HIS A 117 8.53 -2.62 -3.23
N THR A 118 7.25 -2.60 -2.87
CA THR A 118 6.60 -1.35 -2.56
C THR A 118 7.38 -0.61 -1.48
N ALA A 119 7.68 -1.33 -0.40
CA ALA A 119 8.43 -0.80 0.72
C ALA A 119 8.42 -1.85 1.81
N VAL A 120 9.46 -1.88 2.64
CA VAL A 120 9.52 -2.85 3.71
C VAL A 120 8.27 -2.80 4.59
N ASP A 121 7.90 -3.96 5.14
CA ASP A 121 6.76 -4.10 6.03
C ASP A 121 5.36 -4.01 5.44
N ARG A 122 5.24 -3.85 4.12
CA ARG A 122 3.91 -3.77 3.53
C ARG A 122 3.41 -5.15 3.12
N THR A 123 2.11 -5.28 2.87
CA THR A 123 1.54 -6.58 2.53
C THR A 123 2.04 -7.22 1.25
N ALA A 124 1.55 -6.72 0.12
CA ALA A 124 1.92 -7.23 -1.20
C ALA A 124 3.39 -7.03 -1.55
N GLY A 125 3.99 -5.93 -1.10
CA GLY A 125 5.36 -5.69 -1.45
C GLY A 125 6.42 -6.32 -0.58
N TRP A 126 6.06 -6.86 0.57
CA TRP A 126 7.10 -7.43 1.41
C TRP A 126 6.71 -8.61 2.28
N ASN A 127 5.70 -8.45 3.13
CA ASN A 127 5.32 -9.55 4.01
C ASN A 127 4.93 -10.84 3.30
N ILE A 128 4.07 -10.75 2.30
CA ILE A 128 3.64 -11.94 1.58
C ILE A 128 4.79 -12.60 0.84
N PRO A 129 5.43 -11.88 -0.09
CA PRO A 129 6.53 -12.52 -0.82
C PRO A 129 7.70 -12.99 0.05
N MET A 130 8.26 -12.12 0.86
CA MET A 130 9.36 -12.51 1.72
C MET A 130 8.99 -13.64 2.67
N GLY A 131 7.74 -13.67 3.11
CA GLY A 131 7.30 -14.72 4.01
C GLY A 131 7.30 -16.08 3.30
N LEU A 132 6.74 -16.09 2.10
CA LEU A 132 6.70 -17.30 1.30
C LEU A 132 8.14 -17.74 1.04
N ILE A 133 9.00 -16.79 0.70
CA ILE A 133 10.39 -17.11 0.42
C ILE A 133 11.15 -17.64 1.64
N VAL A 134 10.88 -17.09 2.82
CA VAL A 134 11.57 -17.57 4.02
C VAL A 134 11.14 -18.99 4.34
N ASN A 135 9.89 -19.30 4.03
CA ASN A 135 9.38 -20.63 4.30
C ASN A 135 9.99 -21.66 3.34
N GLN A 136 9.84 -21.41 2.05
CA GLN A 136 10.37 -22.30 1.03
C GLN A 136 11.89 -22.43 1.11
N THR A 137 12.55 -21.41 1.65
CA THR A 137 14.00 -21.40 1.78
C THR A 137 14.50 -22.00 3.09
N GLY A 138 13.66 -21.93 4.12
CA GLY A 138 14.05 -22.47 5.41
C GLY A 138 15.23 -21.68 5.98
N SER A 139 15.31 -20.40 5.62
CA SER A 139 16.36 -19.54 6.12
C SER A 139 15.79 -18.17 6.39
N CYS A 140 16.42 -17.41 7.28
CA CYS A 140 15.96 -16.07 7.59
C CYS A 140 16.78 -15.04 6.82
N ALA A 141 17.66 -15.52 5.95
CA ALA A 141 18.51 -14.64 5.18
C ALA A 141 17.82 -14.08 3.94
N PHE A 142 16.67 -13.45 4.11
CA PHE A 142 15.96 -12.88 2.98
C PHE A 142 16.69 -11.67 2.41
N ASP A 143 17.77 -11.25 3.08
CA ASP A 143 18.54 -10.10 2.60
C ASP A 143 19.62 -10.57 1.63
N GLU A 144 19.65 -11.87 1.37
CA GLU A 144 20.62 -12.46 0.45
C GLU A 144 19.96 -13.23 -0.69
N PHE A 145 18.64 -13.30 -0.68
CA PHE A 145 17.93 -14.01 -1.72
C PHE A 145 18.13 -13.34 -3.06
N PHE A 146 17.70 -12.08 -3.16
CA PHE A 146 17.86 -11.33 -4.39
C PHE A 146 19.26 -10.74 -4.48
N SER A 147 19.77 -10.57 -5.69
CA SER A 147 21.10 -10.00 -5.85
C SER A 147 21.05 -8.54 -5.46
N GLN A 148 20.07 -7.83 -6.00
CA GLN A 148 19.89 -6.41 -5.72
C GLN A 148 18.41 -6.11 -5.79
N SER A 149 17.98 -5.09 -5.05
CA SER A 149 16.57 -4.73 -5.05
C SER A 149 16.40 -3.30 -4.59
N CYS A 150 15.14 -2.88 -4.60
CA CYS A 150 14.78 -1.59 -4.11
C CYS A 150 13.62 -1.90 -3.19
N ALA A 151 13.88 -1.87 -1.89
CA ALA A 151 12.88 -2.15 -0.90
C ALA A 151 12.93 -0.97 0.05
N PRO A 152 12.10 0.06 -0.20
CA PRO A 152 12.10 1.25 0.66
C PRO A 152 12.03 0.88 2.14
N GLY A 153 12.88 1.51 2.94
CA GLY A 153 12.89 1.25 4.36
C GLY A 153 14.00 0.35 4.82
N ALA A 154 14.82 -0.12 3.90
CA ALA A 154 15.92 -0.99 4.28
C ALA A 154 17.16 -0.12 4.40
N ASP A 155 18.25 -0.71 4.87
CA ASP A 155 19.49 0.01 5.03
C ASP A 155 19.90 0.56 3.67
N PRO A 156 20.08 1.88 3.56
CA PRO A 156 20.49 2.49 2.28
C PRO A 156 21.78 1.90 1.72
N LYS A 157 22.66 1.44 2.61
CA LYS A 157 23.94 0.86 2.22
C LYS A 157 23.85 -0.61 1.85
N SER A 158 22.68 -1.22 2.05
CA SER A 158 22.51 -2.64 1.74
C SER A 158 22.04 -2.91 0.31
N ARG A 159 22.21 -4.15 -0.13
CA ARG A 159 21.82 -4.55 -1.47
C ARG A 159 20.30 -4.42 -1.59
N LEU A 160 19.60 -4.36 -0.46
CA LEU A 160 18.15 -4.22 -0.48
C LEU A 160 17.71 -2.83 -0.89
N CYS A 161 18.67 -1.93 -1.09
CA CYS A 161 18.36 -0.57 -1.51
C CYS A 161 19.11 -0.21 -2.80
N ALA A 162 20.03 -1.09 -3.17
CA ALA A 162 20.86 -0.93 -4.35
C ALA A 162 20.18 -0.43 -5.61
N LEU A 163 18.91 -0.79 -5.80
CA LEU A 163 18.21 -0.39 -7.01
C LEU A 163 17.34 0.85 -6.89
N CYS A 164 17.12 1.32 -5.68
CA CYS A 164 16.30 2.52 -5.47
C CYS A 164 17.02 3.75 -6.04
N ALA A 165 16.25 4.76 -6.47
CA ALA A 165 16.84 5.95 -7.07
C ALA A 165 16.77 7.27 -6.32
N GLY A 166 15.97 7.35 -5.26
CA GLY A 166 15.86 8.61 -4.54
C GLY A 166 15.02 9.61 -5.31
N ASP A 167 15.12 10.90 -4.98
CA ASP A 167 14.32 11.90 -5.67
C ASP A 167 15.02 12.48 -6.90
N ASP A 168 14.44 13.55 -7.45
CA ASP A 168 14.95 14.21 -8.66
C ASP A 168 16.40 14.66 -8.61
N GLN A 169 16.97 14.76 -7.41
CA GLN A 169 18.36 15.15 -7.26
C GLN A 169 19.20 13.99 -6.76
N GLY A 170 18.54 12.87 -6.48
CA GLY A 170 19.27 11.71 -5.98
C GLY A 170 19.30 11.63 -4.46
N LEU A 171 18.62 12.55 -3.79
CA LEU A 171 18.57 12.57 -2.33
C LEU A 171 17.43 11.69 -1.83
N ASP A 172 17.50 11.30 -0.57
CA ASP A 172 16.48 10.46 0.04
C ASP A 172 16.44 9.04 -0.49
N LYS A 173 17.54 8.56 -1.05
CA LYS A 173 17.59 7.20 -1.58
C LYS A 173 17.05 6.15 -0.64
N CYS A 174 16.01 5.44 -1.08
CA CYS A 174 15.38 4.36 -0.32
C CYS A 174 14.44 4.77 0.82
N VAL A 175 14.21 6.07 1.01
CA VAL A 175 13.30 6.49 2.08
C VAL A 175 11.93 5.92 1.78
N PRO A 176 11.23 5.45 2.81
CA PRO A 176 9.89 4.88 2.60
C PRO A 176 8.78 5.88 2.37
N ASN A 177 8.96 6.81 1.43
CA ASN A 177 7.90 7.75 1.12
C ASN A 177 7.98 8.16 -0.36
N SER A 178 6.88 8.68 -0.89
CA SER A 178 6.82 9.03 -2.31
C SER A 178 7.87 9.96 -2.86
N LYS A 179 8.93 10.21 -2.11
CA LYS A 179 10.01 11.05 -2.61
C LYS A 179 10.91 10.13 -3.40
N GLU A 180 10.92 8.87 -2.97
CA GLU A 180 11.70 7.80 -3.60
C GLU A 180 10.98 7.47 -4.91
N LYS A 181 11.74 7.42 -6.00
CA LYS A 181 11.16 7.15 -7.31
C LYS A 181 10.37 5.85 -7.34
N TYR A 182 10.98 4.78 -6.83
CA TYR A 182 10.35 3.46 -6.82
C TYR A 182 9.69 3.05 -5.48
N TYR A 183 8.91 3.96 -4.89
CA TYR A 183 8.24 3.67 -3.62
C TYR A 183 6.77 3.35 -3.85
N GLY A 184 6.28 2.37 -3.12
CA GLY A 184 4.88 2.01 -3.22
C GLY A 184 4.45 1.28 -4.48
N TYR A 185 3.17 0.97 -4.55
CA TYR A 185 2.64 0.27 -5.69
C TYR A 185 3.13 0.79 -7.05
N THR A 186 2.96 2.08 -7.29
CA THR A 186 3.37 2.66 -8.55
C THR A 186 4.87 2.67 -8.75
N GLY A 187 5.60 3.01 -7.70
CA GLY A 187 7.05 3.04 -7.80
C GLY A 187 7.63 1.67 -8.08
N ALA A 188 7.09 0.64 -7.42
CA ALA A 188 7.61 -0.71 -7.61
C ALA A 188 7.28 -1.21 -9.00
N PHE A 189 6.15 -0.77 -9.56
CA PHE A 189 5.80 -1.22 -10.89
C PHE A 189 6.69 -0.51 -11.90
N ARG A 190 7.00 0.76 -11.64
CA ARG A 190 7.85 1.53 -12.55
C ARG A 190 9.24 0.91 -12.57
N CYS A 191 9.66 0.43 -11.41
CA CYS A 191 10.95 -0.21 -11.23
C CYS A 191 11.10 -1.40 -12.16
N LEU A 192 9.98 -2.05 -12.45
CA LEU A 192 9.94 -3.21 -13.34
C LEU A 192 9.84 -2.71 -14.77
N ALA A 193 8.93 -1.77 -14.99
CA ALA A 193 8.70 -1.21 -16.30
C ALA A 193 9.97 -0.64 -16.93
N GLU A 194 10.85 -0.06 -16.12
CA GLU A 194 12.08 0.52 -16.63
C GLU A 194 13.22 -0.50 -16.66
N ASP A 195 12.87 -1.75 -16.43
CA ASP A 195 13.84 -2.84 -16.46
C ASP A 195 14.98 -2.70 -15.47
N VAL A 196 14.68 -2.08 -14.34
CA VAL A 196 15.66 -1.93 -13.27
C VAL A 196 15.66 -3.26 -12.53
N GLY A 197 14.46 -3.74 -12.19
CA GLY A 197 14.35 -5.01 -11.51
C GLY A 197 13.75 -6.06 -12.43
N ASP A 198 13.91 -7.34 -12.08
CA ASP A 198 13.38 -8.43 -12.88
C ASP A 198 11.94 -8.76 -12.51
N VAL A 199 11.59 -8.48 -11.25
CA VAL A 199 10.26 -8.76 -10.74
C VAL A 199 9.77 -7.70 -9.74
N ALA A 200 8.47 -7.40 -9.80
CA ALA A 200 7.87 -6.41 -8.93
C ALA A 200 6.77 -7.06 -8.12
N PHE A 201 6.72 -6.75 -6.83
CA PHE A 201 5.71 -7.31 -5.95
C PHE A 201 4.70 -6.25 -5.56
N VAL A 202 3.65 -6.14 -6.36
CA VAL A 202 2.57 -5.17 -6.13
C VAL A 202 1.24 -5.89 -6.00
N LYS A 203 0.17 -5.24 -6.45
CA LYS A 203 -1.16 -5.84 -6.38
C LYS A 203 -1.80 -5.86 -7.78
N ASN A 204 -2.73 -6.80 -8.01
CA ASN A 204 -3.42 -6.93 -9.29
C ASN A 204 -3.69 -5.60 -9.96
N ASP A 205 -4.50 -4.77 -9.30
CA ASP A 205 -4.88 -3.47 -9.84
C ASP A 205 -3.74 -2.59 -10.36
N THR A 206 -2.56 -2.70 -9.77
CA THR A 206 -1.45 -1.85 -10.17
C THR A 206 -1.07 -2.00 -11.63
N VAL A 207 -1.15 -3.22 -12.14
CA VAL A 207 -0.81 -3.50 -13.53
C VAL A 207 -1.86 -2.96 -14.51
N TRP A 208 -3.14 -3.06 -14.15
CA TRP A 208 -4.19 -2.54 -15.01
C TRP A 208 -4.18 -1.02 -15.07
N GLU A 209 -4.03 -0.40 -13.91
CA GLU A 209 -4.04 1.06 -13.80
C GLU A 209 -2.88 1.78 -14.46
N ASN A 210 -1.82 1.08 -14.81
CA ASN A 210 -0.66 1.72 -15.43
C ASN A 210 -0.27 1.17 -16.79
N THR A 211 -1.24 0.60 -17.49
CA THR A 211 -0.99 0.01 -18.80
C THR A 211 -2.14 0.33 -19.73
N ASN A 212 -1.88 0.24 -21.03
CA ASN A 212 -2.89 0.49 -22.05
C ASN A 212 -3.52 1.87 -22.00
N GLY A 213 -2.68 2.90 -21.80
CA GLY A 213 -3.18 4.27 -21.77
C GLY A 213 -3.97 4.74 -20.57
N GLU A 214 -3.92 3.98 -19.49
CA GLU A 214 -4.62 4.34 -18.26
C GLU A 214 -3.86 5.35 -17.41
N SER A 215 -2.56 5.50 -17.66
CA SER A 215 -1.77 6.41 -16.85
C SER A 215 -1.46 7.78 -17.45
N THR A 216 -0.99 7.80 -18.68
CA THR A 216 -0.62 9.05 -19.39
C THR A 216 0.73 9.56 -18.86
N ALA A 217 1.25 8.89 -17.85
CA ALA A 217 2.53 9.25 -17.25
C ALA A 217 3.67 8.88 -18.17
N ASP A 218 4.51 9.85 -18.51
CA ASP A 218 5.65 9.64 -19.41
C ASP A 218 6.26 8.24 -19.43
N TRP A 219 6.38 7.58 -18.27
CA TRP A 219 6.96 6.24 -18.23
C TRP A 219 6.00 5.08 -18.43
N ALA A 220 4.70 5.36 -18.45
CA ALA A 220 3.70 4.30 -18.59
C ALA A 220 2.80 4.44 -19.83
N LYS A 221 2.98 5.52 -20.58
CA LYS A 221 2.18 5.77 -21.78
C LYS A 221 2.19 4.62 -22.77
N ASN A 222 3.38 4.07 -23.02
CA ASN A 222 3.51 2.98 -23.98
C ASN A 222 3.49 1.59 -23.40
N LEU A 223 3.12 1.45 -22.12
CA LEU A 223 3.07 0.13 -21.51
C LEU A 223 1.84 -0.65 -21.94
N LYS A 224 2.05 -1.89 -22.39
CA LYS A 224 0.95 -2.73 -22.81
C LYS A 224 0.88 -3.94 -21.90
N ARG A 225 -0.32 -4.25 -21.41
CA ARG A 225 -0.55 -5.37 -20.52
C ARG A 225 0.02 -6.68 -21.06
N GLU A 226 -0.05 -6.86 -22.37
CA GLU A 226 0.43 -8.10 -22.95
C GLU A 226 1.94 -8.34 -22.77
N ASP A 227 2.70 -7.30 -22.47
CA ASP A 227 4.14 -7.47 -22.29
C ASP A 227 4.50 -7.90 -20.88
N PHE A 228 3.48 -8.18 -20.08
CA PHE A 228 3.68 -8.57 -18.69
C PHE A 228 3.12 -9.95 -18.41
N ARG A 229 3.63 -10.57 -17.35
CA ARG A 229 3.17 -11.90 -16.96
C ARG A 229 3.21 -12.06 -15.44
N LEU A 230 2.27 -12.85 -14.93
CA LEU A 230 2.16 -13.12 -13.51
C LEU A 230 2.82 -14.43 -13.16
N LEU A 231 3.61 -14.44 -12.08
CA LEU A 231 4.28 -15.65 -11.63
C LEU A 231 3.37 -16.32 -10.59
N CYS A 232 2.94 -17.54 -10.85
CA CYS A 232 2.07 -18.26 -9.93
C CYS A 232 2.94 -19.13 -9.06
N LEU A 233 2.39 -19.63 -7.96
CA LEU A 233 3.17 -20.45 -7.06
C LEU A 233 3.51 -21.82 -7.61
N ASP A 234 2.75 -22.30 -8.59
CA ASP A 234 3.03 -23.62 -9.14
C ASP A 234 4.12 -23.62 -10.19
N GLY A 235 4.86 -22.51 -10.31
CA GLY A 235 5.93 -22.42 -11.28
C GLY A 235 5.48 -21.98 -12.66
N THR A 236 4.20 -21.69 -12.79
CA THR A 236 3.64 -21.25 -14.08
C THR A 236 3.65 -19.75 -14.29
N ARG A 237 3.47 -19.33 -15.54
CA ARG A 237 3.40 -17.90 -15.87
C ARG A 237 2.06 -17.73 -16.57
N LYS A 238 1.33 -16.69 -16.21
CA LYS A 238 0.03 -16.45 -16.83
C LYS A 238 -0.16 -14.98 -17.15
N PRO A 239 -1.13 -14.67 -18.01
CA PRO A 239 -1.43 -13.28 -18.38
C PRO A 239 -1.98 -12.54 -17.16
N VAL A 240 -1.91 -11.21 -17.17
CA VAL A 240 -2.42 -10.44 -16.04
C VAL A 240 -3.93 -10.59 -15.93
N THR A 241 -4.53 -11.25 -16.90
CA THR A 241 -5.98 -11.42 -16.88
C THR A 241 -6.42 -12.62 -16.04
N GLU A 242 -5.45 -13.40 -15.56
CA GLU A 242 -5.75 -14.58 -14.76
C GLU A 242 -5.30 -14.44 -13.32
N ALA A 243 -5.42 -13.24 -12.78
CA ALA A 243 -5.00 -12.99 -11.41
C ALA A 243 -5.78 -13.77 -10.36
N GLN A 244 -7.04 -14.08 -10.65
CA GLN A 244 -7.86 -14.81 -9.70
C GLN A 244 -7.39 -16.24 -9.53
N SER A 245 -6.54 -16.72 -10.43
CA SER A 245 -6.03 -18.08 -10.34
C SER A 245 -4.51 -18.12 -10.35
N CYS A 246 -3.89 -16.98 -10.04
CA CYS A 246 -2.43 -16.88 -10.03
C CYS A 246 -1.97 -15.67 -9.22
N HIS A 247 -2.23 -15.70 -7.93
CA HIS A 247 -1.82 -14.62 -7.05
C HIS A 247 -1.10 -15.28 -5.87
N LEU A 248 -0.32 -14.51 -5.13
CA LEU A 248 0.42 -15.07 -4.00
C LEU A 248 -0.44 -15.17 -2.75
N ALA A 249 -1.41 -14.27 -2.63
CA ALA A 249 -2.31 -14.22 -1.48
C ALA A 249 -3.29 -13.08 -1.66
N VAL A 250 -4.34 -13.07 -0.86
CA VAL A 250 -5.31 -12.01 -0.92
C VAL A 250 -5.06 -11.16 0.32
N ALA A 251 -4.89 -9.86 0.13
CA ALA A 251 -4.59 -8.96 1.23
C ALA A 251 -5.77 -8.10 1.69
N PRO A 252 -5.85 -7.83 3.00
CA PRO A 252 -6.92 -7.01 3.57
C PRO A 252 -6.76 -5.54 3.15
N ASN A 253 -7.82 -4.95 2.64
CA ASN A 253 -7.78 -3.55 2.19
C ASN A 253 -7.12 -2.59 3.16
N HIS A 254 -6.49 -1.55 2.60
CA HIS A 254 -5.87 -0.52 3.42
C HIS A 254 -6.99 0.13 4.24
N ALA A 255 -6.71 0.46 5.49
CA ALA A 255 -7.71 1.07 6.35
C ALA A 255 -7.18 2.27 7.15
N VAL A 256 -8.10 3.16 7.57
CA VAL A 256 -7.74 4.31 8.38
C VAL A 256 -7.64 3.82 9.82
N VAL A 257 -6.66 4.29 10.58
CA VAL A 257 -6.52 3.88 11.98
C VAL A 257 -6.32 5.10 12.85
N SER A 258 -6.84 5.02 14.08
CA SER A 258 -6.72 6.11 15.05
C SER A 258 -6.56 5.45 16.41
N ARG A 259 -6.41 6.26 17.45
CA ARG A 259 -6.31 5.71 18.79
C ARG A 259 -7.73 5.28 19.14
N SER A 260 -7.87 4.24 19.94
CA SER A 260 -9.20 3.76 20.30
C SER A 260 -10.07 4.83 20.93
N ASP A 261 -9.48 5.72 21.71
CA ASP A 261 -10.24 6.78 22.36
C ASP A 261 -10.63 7.93 21.44
N ARG A 262 -10.27 7.84 20.16
CA ARG A 262 -10.57 8.90 19.21
C ARG A 262 -11.28 8.40 17.96
N ALA A 263 -11.35 7.08 17.80
CA ALA A 263 -11.96 6.47 16.64
C ALA A 263 -13.36 6.95 16.34
N ALA A 264 -14.20 7.08 17.36
CA ALA A 264 -15.55 7.52 17.14
C ALA A 264 -15.59 8.88 16.48
N HIS A 265 -14.80 9.80 17.01
CA HIS A 265 -14.75 11.16 16.50
C HIS A 265 -14.14 11.23 15.10
N VAL A 266 -13.15 10.38 14.83
CA VAL A 266 -12.53 10.35 13.51
C VAL A 266 -13.51 9.77 12.48
N GLU A 267 -14.25 8.74 12.89
CA GLU A 267 -15.22 8.09 12.02
C GLU A 267 -16.29 9.05 11.56
N GLN A 268 -16.78 9.87 12.49
CA GLN A 268 -17.82 10.84 12.19
C GLN A 268 -17.33 11.84 11.15
N VAL A 269 -16.20 12.47 11.43
CA VAL A 269 -15.62 13.46 10.53
C VAL A 269 -15.42 12.91 9.11
N LEU A 270 -14.76 11.77 8.99
CA LEU A 270 -14.47 11.15 7.70
C LEU A 270 -15.68 10.87 6.84
N LEU A 271 -16.71 10.28 7.42
CA LEU A 271 -17.94 10.00 6.67
C LEU A 271 -18.48 11.29 6.05
N HIS A 272 -18.54 12.37 6.84
CA HIS A 272 -19.04 13.65 6.36
C HIS A 272 -18.08 14.27 5.36
N GLN A 273 -16.80 14.01 5.53
CA GLN A 273 -15.80 14.53 4.62
C GLN A 273 -15.93 13.89 3.24
N GLN A 274 -16.11 12.57 3.20
CA GLN A 274 -16.23 11.87 1.93
C GLN A 274 -17.57 12.21 1.25
N ALA A 275 -18.53 12.66 2.03
CA ALA A 275 -19.82 13.03 1.48
C ALA A 275 -19.61 14.29 0.66
N LEU A 276 -18.50 14.98 0.92
CA LEU A 276 -18.18 16.23 0.24
C LEU A 276 -17.09 16.14 -0.83
N PHE A 277 -16.12 15.27 -0.61
CA PHE A 277 -15.02 15.13 -1.55
C PHE A 277 -14.85 13.70 -2.04
N GLY A 278 -15.78 12.84 -1.67
CA GLY A 278 -15.74 11.45 -2.09
C GLY A 278 -16.00 11.32 -3.57
N LYS A 279 -16.23 10.08 -4.03
CA LYS A 279 -16.46 9.84 -5.45
C LYS A 279 -17.63 10.62 -6.04
N ASN A 280 -18.75 10.65 -5.35
CA ASN A 280 -19.90 11.38 -5.83
C ASN A 280 -20.18 12.54 -4.89
N GLY A 281 -19.10 13.11 -4.38
CA GLY A 281 -19.19 14.21 -3.44
C GLY A 281 -19.72 15.51 -3.99
N LYS A 282 -20.27 16.29 -3.08
CA LYS A 282 -20.83 17.59 -3.38
C LYS A 282 -19.82 18.47 -4.11
N ASN A 283 -18.54 18.37 -3.74
CA ASN A 283 -17.52 19.22 -4.34
C ASN A 283 -16.29 18.53 -4.91
N CYS A 284 -16.39 17.23 -5.18
CA CYS A 284 -15.22 16.53 -5.69
C CYS A 284 -14.78 16.95 -7.07
N PRO A 285 -15.57 16.65 -8.11
CA PRO A 285 -15.14 17.04 -9.45
C PRO A 285 -14.79 18.53 -9.58
N ASP A 286 -15.66 19.40 -9.06
CA ASP A 286 -15.48 20.84 -9.16
C ASP A 286 -14.39 21.47 -8.29
N LYS A 287 -14.38 21.14 -7.00
CA LYS A 287 -13.39 21.74 -6.12
C LYS A 287 -12.25 20.87 -5.62
N PHE A 288 -12.54 19.71 -5.06
CA PHE A 288 -11.47 18.85 -4.56
C PHE A 288 -11.96 17.42 -4.46
N CYS A 289 -11.09 16.46 -4.77
CA CYS A 289 -11.47 15.05 -4.69
C CYS A 289 -10.48 14.30 -3.84
N LEU A 290 -10.91 13.93 -2.64
CA LEU A 290 -10.07 13.20 -1.70
C LEU A 290 -9.34 12.01 -2.31
N PHE A 291 -10.00 11.29 -3.22
CA PHE A 291 -9.40 10.11 -3.81
C PHE A 291 -8.62 10.21 -5.12
N LYS A 292 -8.24 11.42 -5.51
CA LYS A 292 -7.46 11.59 -6.74
C LYS A 292 -6.12 12.24 -6.44
N SER A 293 -5.09 11.81 -7.16
CA SER A 293 -3.74 12.36 -7.00
C SER A 293 -2.88 11.93 -8.18
N GLU A 294 -3.54 11.74 -9.32
CA GLU A 294 -2.92 11.35 -10.58
C GLU A 294 -1.96 10.15 -10.52
N THR A 295 -2.56 8.99 -10.25
CA THR A 295 -1.86 7.70 -10.16
C THR A 295 -0.76 7.61 -9.08
N LYS A 296 -0.71 8.58 -8.18
CA LYS A 296 0.30 8.58 -7.14
C LYS A 296 -0.12 7.99 -5.80
N ASN A 297 -1.42 7.72 -5.65
CA ASN A 297 -1.97 7.14 -4.41
C ASN A 297 -1.56 7.91 -3.15
N LEU A 298 -1.91 9.19 -3.11
CA LEU A 298 -1.57 10.03 -1.97
C LEU A 298 -2.70 10.06 -0.96
N LEU A 299 -2.39 9.70 0.29
CA LEU A 299 -3.36 9.66 1.40
C LEU A 299 -4.32 8.49 1.23
N PHE A 300 -4.73 8.23 -0.01
CA PHE A 300 -5.64 7.15 -0.33
C PHE A 300 -5.35 6.64 -1.74
N ASN A 301 -5.54 5.35 -1.96
CA ASN A 301 -5.33 4.80 -3.29
C ASN A 301 -6.28 5.55 -4.21
N ASP A 302 -5.85 5.77 -5.44
CA ASP A 302 -6.69 6.47 -6.38
C ASP A 302 -7.92 5.69 -6.81
N ASN A 303 -7.91 4.37 -6.61
CA ASN A 303 -9.06 3.56 -7.02
C ASN A 303 -10.10 3.39 -5.92
N THR A 304 -10.01 4.18 -4.86
CA THR A 304 -10.97 4.07 -3.77
C THR A 304 -12.32 4.65 -4.16
N GLU A 305 -13.37 3.88 -3.98
CA GLU A 305 -14.70 4.36 -4.30
C GLU A 305 -15.24 5.14 -3.10
N CYS A 306 -14.98 4.63 -1.91
CA CYS A 306 -15.44 5.29 -0.68
C CYS A 306 -14.74 4.61 0.47
N LEU A 307 -14.93 5.16 1.67
CA LEU A 307 -14.38 4.56 2.87
C LEU A 307 -15.62 3.86 3.44
N ALA A 308 -15.47 2.60 3.83
CA ALA A 308 -16.60 1.82 4.33
C ALA A 308 -16.56 1.48 5.81
N LYS A 309 -17.75 1.38 6.40
CA LYS A 309 -17.86 1.02 7.80
C LYS A 309 -17.36 -0.41 7.90
N LEU A 310 -16.97 -0.87 9.09
CA LEU A 310 -16.45 -2.22 9.21
C LEU A 310 -17.47 -3.28 9.58
N GLY A 311 -18.33 -2.99 10.54
CA GLY A 311 -19.31 -4.00 10.90
C GLY A 311 -18.65 -5.14 11.66
N GLY A 312 -19.09 -5.31 12.91
CA GLY A 312 -18.54 -6.34 13.77
C GLY A 312 -17.46 -5.72 14.62
N ARG A 313 -17.41 -4.39 14.62
CA ARG A 313 -16.41 -3.61 15.35
C ARG A 313 -15.19 -4.49 15.63
N PRO A 314 -14.48 -4.87 14.57
CA PRO A 314 -13.30 -5.72 14.61
C PRO A 314 -12.05 -5.11 15.20
N THR A 315 -11.31 -5.94 15.92
CA THR A 315 -10.05 -5.53 16.50
C THR A 315 -9.10 -5.55 15.29
N TYR A 316 -7.84 -5.18 15.48
CA TYR A 316 -6.92 -5.19 14.36
C TYR A 316 -6.64 -6.62 13.92
N GLU A 317 -6.66 -7.56 14.88
CA GLU A 317 -6.41 -8.95 14.56
C GLU A 317 -7.56 -9.53 13.76
N GLU A 318 -8.77 -9.14 14.12
CA GLU A 318 -9.93 -9.64 13.41
C GLU A 318 -10.03 -9.03 12.05
N TYR A 319 -9.53 -7.81 11.90
CA TYR A 319 -9.57 -7.14 10.62
C TYR A 319 -8.56 -7.71 9.64
N LEU A 320 -7.36 -8.02 10.10
CA LEU A 320 -6.34 -8.57 9.21
C LEU A 320 -6.60 -10.06 8.97
N GLY A 321 -7.21 -10.71 9.95
CA GLY A 321 -7.48 -12.12 9.82
C GLY A 321 -6.40 -12.97 10.44
N THR A 322 -6.76 -14.16 10.91
CA THR A 322 -5.81 -15.08 11.53
C THR A 322 -4.75 -15.56 10.54
N GLU A 323 -5.19 -15.82 9.31
CA GLU A 323 -4.27 -16.28 8.27
C GLU A 323 -3.07 -15.35 8.14
N TYR A 324 -3.34 -14.09 7.80
CA TYR A 324 -2.31 -13.08 7.61
C TYR A 324 -1.52 -12.77 8.87
N VAL A 325 -2.21 -12.63 10.00
CA VAL A 325 -1.54 -12.31 11.24
C VAL A 325 -0.45 -13.33 11.57
N THR A 326 -0.72 -14.61 11.39
CA THR A 326 0.28 -15.62 11.70
C THR A 326 1.48 -15.50 10.77
N ALA A 327 1.21 -15.16 9.51
CA ALA A 327 2.25 -15.01 8.49
C ALA A 327 3.28 -13.95 8.90
N ILE A 328 2.79 -12.77 9.30
CA ILE A 328 3.65 -11.68 9.72
C ILE A 328 4.43 -12.06 10.97
N ALA A 329 3.75 -12.74 11.88
CA ALA A 329 4.38 -13.17 13.12
C ALA A 329 5.58 -14.05 12.77
N ASN A 330 5.33 -15.11 12.00
CA ASN A 330 6.38 -16.03 11.60
C ASN A 330 7.53 -15.33 10.88
N LEU A 331 7.21 -14.35 10.05
CA LEU A 331 8.22 -13.60 9.32
C LEU A 331 8.99 -12.68 10.28
N LYS A 332 8.29 -12.13 11.26
CA LYS A 332 8.92 -11.26 12.25
C LYS A 332 9.95 -12.01 13.08
N LYS A 333 9.69 -13.31 13.27
CA LYS A 333 10.59 -14.19 14.01
C LYS A 333 12.02 -14.07 13.43
N CYS A 334 12.11 -13.71 12.17
CA CYS A 334 13.39 -13.58 11.48
C CYS A 334 14.20 -12.32 11.80
N SER A 335 13.54 -11.17 11.88
CA SER A 335 14.23 -9.92 12.16
C SER A 335 14.47 -9.69 13.65
N LEU A 340 8.29 -11.62 21.70
CA LEU A 340 7.46 -11.92 20.54
C LEU A 340 6.06 -11.26 20.61
N GLU A 341 5.90 -10.41 21.60
CA GLU A 341 4.68 -9.60 21.82
C GLU A 341 5.35 -8.30 22.25
N ALA A 342 5.07 -7.18 21.59
CA ALA A 342 5.81 -5.97 21.95
C ALA A 342 5.50 -4.46 22.02
N CYS A 343 5.11 -3.95 20.85
CA CYS A 343 4.82 -2.53 20.46
C CYS A 343 6.21 -1.89 20.31
N ALA A 344 6.69 -1.92 19.06
CA ALA A 344 8.00 -1.43 18.59
C ALA A 344 8.60 -0.12 19.08
N PHE A 345 7.98 0.50 20.09
CA PHE A 345 8.48 1.77 20.62
C PHE A 345 8.33 1.75 22.14
C1 NAG B . 5.16 -19.80 6.71
C2 NAG B . 3.69 -19.39 6.57
C3 NAG B . 2.94 -19.56 7.90
C4 NAG B . 3.24 -20.90 8.56
C5 NAG B . 4.75 -21.13 8.64
C6 NAG B . 5.12 -22.47 9.26
C7 NAG B . 3.15 -17.76 4.86
C8 NAG B . 3.23 -16.34 4.39
N2 NAG B . 3.59 -18.03 6.08
O3 NAG B . 1.56 -19.46 7.66
O4 NAG B . 2.73 -20.90 9.88
O5 NAG B . 5.28 -21.06 7.33
O6 NAG B . 4.32 -23.49 8.72
O7 NAG B . 2.69 -18.62 4.10
C1 NAG B . 1.34 -21.28 9.88
C2 NAG B . 0.85 -21.35 11.33
C3 NAG B . -0.40 -22.22 11.48
C4 NAG B . -1.43 -21.97 10.37
C5 NAG B . -0.79 -21.86 9.00
C6 NAG B . -1.80 -21.43 7.94
C7 NAG B . 2.44 -21.12 13.19
C8 NAG B . 3.53 -21.79 13.98
N2 NAG B . 1.90 -21.84 12.20
O3 NAG B . -0.98 -21.95 12.73
O4 NAG B . -2.42 -23.00 10.40
O5 NAG B . 0.29 -20.93 9.01
O6 NAG B . -1.89 -20.02 7.93
O7 NAG B . 2.11 -19.96 13.45
C1 BMA B . -3.21 -23.81 11.28
C2 BMA B . -3.15 -22.91 12.53
C3 BMA B . -3.64 -23.61 13.80
C4 BMA B . -4.94 -24.37 13.57
C5 BMA B . -4.83 -25.32 12.38
C6 BMA B . -6.17 -26.00 12.07
O2 BMA B . -3.90 -21.74 12.30
O3 BMA B . -3.82 -22.68 14.85
O4 BMA B . -5.24 -25.07 14.76
O5 BMA B . -4.36 -24.65 11.20
O6 BMA B . -7.24 -25.08 12.19
C1 MAN B . -6.34 -25.24 15.68
C2 MAN B . -6.01 -26.62 16.25
C3 MAN B . -7.25 -27.37 16.73
C4 MAN B . -8.15 -26.47 17.58
C5 MAN B . -8.44 -25.19 16.81
C6 MAN B . -9.37 -24.26 17.59
O2 MAN B . -5.10 -26.46 17.33
O3 MAN B . -6.88 -28.53 17.46
O4 MAN B . -9.34 -27.14 17.94
O5 MAN B . -7.22 -24.53 16.55
O6 MAN B . -10.72 -24.53 17.19
C1 MAN B . -7.79 -24.47 11.02
C2 MAN B . -8.72 -23.25 11.05
C3 MAN B . -10.17 -23.60 11.41
C4 MAN B . -10.65 -24.80 10.61
C5 MAN B . -9.68 -25.98 10.77
C6 MAN B . -10.13 -27.23 10.00
O2 MAN B . -8.68 -22.59 9.80
O3 MAN B . -11.03 -22.50 11.16
O4 MAN B . -11.98 -25.12 11.00
O5 MAN B . -8.37 -25.60 10.37
O6 MAN B . -9.59 -27.23 8.70
C1 NAG C . -17.06 21.45 9.20
C2 NAG C . -17.89 21.48 7.91
C3 NAG C . -19.28 22.05 8.16
C4 NAG C . -19.97 21.51 9.42
C5 NAG C . -19.02 21.27 10.59
C6 NAG C . -19.66 20.29 11.57
C7 NAG C . -16.66 21.75 5.77
C8 NAG C . -16.22 22.75 4.72
N2 NAG C . -17.20 22.25 6.89
O3 NAG C . -20.09 21.72 7.06
O4 NAG C . -20.97 22.42 9.86
O5 NAG C . -17.76 20.73 10.20
O6 NAG C . -20.27 19.26 10.84
O7 NAG C . -16.51 20.55 5.54
C1 NAG C . -22.26 21.78 9.69
C2 NAG C . -23.39 22.52 10.44
C3 NAG C . -24.75 21.97 10.05
C4 NAG C . -24.96 22.04 8.55
C5 NAG C . -23.79 21.36 7.82
C6 NAG C . -23.87 21.74 6.33
C7 NAG C . -22.98 21.58 12.76
C8 NAG C . -23.73 20.28 12.66
N2 NAG C . -23.23 22.57 11.89
O3 NAG C . -25.78 22.73 10.66
O4 NAG C . -26.18 21.41 8.23
O5 NAG C . -22.51 21.77 8.30
O6 NAG C . -23.69 23.13 6.17
O7 NAG C . -22.14 21.73 13.65
C1 NAG D . -7.58 -6.45 -11.31
C2 NAG D . -8.96 -7.04 -11.33
C3 NAG D . -9.74 -6.45 -12.47
C4 NAG D . -9.79 -4.94 -12.32
C5 NAG D . -8.35 -4.40 -12.26
C6 NAG D . -8.29 -2.89 -11.99
C7 NAG D . -9.41 -9.25 -10.55
C8 NAG D . -9.11 -10.74 -10.60
N2 NAG D . -8.87 -8.48 -11.49
O3 NAG D . -11.05 -6.99 -12.46
O4 NAG D . -10.47 -4.38 -13.45
O5 NAG D . -7.63 -5.02 -11.18
O6 NAG D . -8.63 -2.58 -10.65
O7 NAG D . -10.09 -8.79 -9.65
C1 NAG D . -11.42 -3.38 -13.03
C2 NAG D . -11.36 -2.52 -14.32
C3 NAG D . -12.47 -1.47 -14.31
C4 NAG D . -13.84 -2.09 -14.06
C5 NAG D . -13.75 -2.88 -12.76
C6 NAG D . -15.03 -3.57 -12.34
C7 NAG D . -9.43 -1.79 -15.58
C8 NAG D . -8.07 -1.11 -15.58
N2 NAG D . -10.07 -1.85 -14.42
O3 NAG D . -12.49 -0.78 -15.55
O4 NAG D . -14.82 -1.04 -13.91
O5 NAG D . -12.74 -3.92 -12.86
O6 NAG D . -14.77 -4.58 -11.38
O7 NAG D . -9.87 -2.26 -16.61
C1 BMA D . -16.16 -1.29 -14.40
C2 BMA D . -17.15 -0.30 -13.75
C3 BMA D . -18.49 -0.35 -14.46
C4 BMA D . -18.27 -0.08 -15.96
C5 BMA D . -17.22 -1.06 -16.54
C6 BMA D . -16.87 -0.80 -17.98
O2 BMA D . -16.63 1.01 -13.84
O3 BMA D . -19.35 0.63 -13.89
O4 BMA D . -19.52 -0.09 -16.73
O5 BMA D . -15.98 -0.96 -15.78
O6 BMA D . -16.23 0.47 -18.14
C1 BMA D . -20.72 -0.80 -16.35
C2 BMA D . -20.33 -2.26 -16.65
C3 BMA D . -21.54 -3.15 -16.34
C4 BMA D . -21.90 -2.96 -14.87
C5 BMA D . -22.35 -1.53 -14.70
C6 BMA D . -22.92 -1.16 -13.36
O2 BMA D . -19.23 -2.62 -15.85
O3 BMA D . -21.23 -4.51 -16.62
O4 BMA D . -22.95 -3.86 -14.46
O5 BMA D . -21.25 -0.63 -15.01
O6 BMA D . -22.12 -1.64 -12.30
C1 MAN D . -22.55 -4.82 -13.47
C2 MAN D . -21.82 -5.93 -14.23
C3 MAN D . -22.48 -7.30 -14.06
C4 MAN D . -23.98 -7.22 -14.39
C5 MAN D . -24.65 -5.98 -13.76
C6 MAN D . -25.90 -6.33 -12.98
O2 MAN D . -20.45 -5.97 -13.83
O3 MAN D . -22.29 -7.76 -12.73
O4 MAN D . -24.15 -7.19 -15.83
O5 MAN D . -23.74 -5.33 -12.83
O6 MAN D . -25.71 -6.18 -11.59
C1 BMA D . -24.30 -8.45 -16.51
C2 BMA D . -25.55 -9.19 -15.94
C3 BMA D . -26.23 -10.22 -16.90
C4 BMA D . -26.19 -9.77 -18.35
C5 BMA D . -24.77 -9.35 -18.68
C6 BMA D . -24.47 -9.08 -20.14
O2 BMA D . -26.52 -8.24 -15.48
O3 BMA D . -27.58 -10.40 -16.51
O4 BMA D . -26.61 -10.82 -19.21
O5 BMA D . -24.45 -8.17 -17.91
O6 BMA D . -25.62 -8.63 -20.83
C1 GLC E . -13.13 -13.46 11.53
C2 GLC E . -13.04 -13.87 13.03
C3 GLC E . -11.70 -13.41 13.65
C4 GLC E . -10.57 -14.00 12.84
C5 GLC E . -10.64 -13.57 11.36
C6 GLC E . -9.59 -14.05 10.39
O2 GLC E . -14.11 -13.31 13.77
O3 GLC E . -11.68 -13.81 15.02
O4 GLC E . -9.33 -13.58 13.48
O5 GLC E . -11.96 -14.02 10.81
O6 GLC E . -9.16 -15.35 10.69
C1 FRU E . -15.40 -11.28 11.93
C2 FRU E . -14.40 -11.42 10.81
C3 FRU E . -14.03 -10.07 10.11
C4 FRU E . -13.52 -10.54 8.75
C5 FRU E . -14.52 -11.63 8.44
C6 FRU E . -13.90 -12.75 7.59
O1 FRU E . -16.58 -10.74 11.56
O2 FRU E . -13.16 -12.01 11.35
O3 FRU E . -13.04 -9.36 10.84
O4 FRU E . -13.62 -9.48 7.76
O5 FRU E . -14.89 -12.18 9.72
O6 FRU E . -14.86 -13.75 7.32
FE FE F . -0.99 -2.77 0.48
C CO3 G . 1.52 -3.13 -0.23
O1 CO3 G . 1.11 -1.96 -0.16
O2 CO3 G . 0.73 -4.09 -0.04
O3 CO3 G . 2.73 -3.33 -0.47
ZN ZN H . -14.59 -9.15 17.58
ZN ZN I . -6.22 -17.36 -3.45
S SO4 J . 4.89 -17.00 -21.59
O1 SO4 J . 3.77 -16.94 -20.66
O2 SO4 J . 5.31 -18.40 -21.74
O3 SO4 J . 4.44 -16.43 -22.86
O4 SO4 J . 6.02 -16.22 -21.06
#